data_3SFK
#
_entry.id   3SFK
#
_cell.length_a   86.586
_cell.length_b   86.586
_cell.length_c   138.167
_cell.angle_alpha   90.00
_cell.angle_beta   90.00
_cell.angle_gamma   120.00
#
_symmetry.space_group_name_H-M   'P 64'
#
loop_
_entity.id
_entity.type
_entity.pdbx_description
1 polymer 'Dihydroorotate dehydrogenase (quinone), mitochondrial'
2 non-polymer 2-(1,1-difluoroethyl)-5-methyl-N-[4-(trifluoromethyl)phenyl][1,2,4]triazolo[1,5-a]pyrimidin-7-amine
3 non-polymer 'FLAVIN MONONUCLEOTIDE'
4 non-polymer 'OROTIC ACID'
5 water water
#
_entity_poly.entity_id   1
_entity_poly.type   'polypeptide(L)'
_entity_poly.pdbx_seq_one_letter_code
;MGHHHHHHAENLYFQGAPFESYNPEFFLYDIFLKFCLKYIDGEICHDLFLLLGKYNILPYDTSNDSIYACTNIKHLDFIN
PFGVAAGFDKNGVCIDSILKLGFSFIEIGTITPRGQTGNAKPRIFRDVESRSIINSCGFNNMGCDKVTENLILFRKRQEE
DKLLSKHIVGVSIGKNKDTVNIVDDLKYCINKIGRYADYIAINVSSPNTPGLRDNQEAGKLKNIILSVKEEIDNLEKNNI
MNDEFLWFNTTKKKPLVFVKLAPDLNQEQKKEIADVLLETNIDGMIISNTTTQINDIKSFENKKGGVSGAKLKDISTKFI
CEMYNYTNKQIPIIASGGIFSGLDALEKIEAGASVCQLYSCLVFNGMKSAVQIKRELNHLLYQRGYYNLKEAIGRKHSKS
;
_entity_poly.pdbx_strand_id   A
#
loop_
_chem_comp.id
_chem_comp.type
_chem_comp.name
_chem_comp.formula
D67 non-polymer 2-(1,1-difluoroethyl)-5-methyl-N-[4-(trifluoromethyl)phenyl][1,2,4]triazolo[1,5-a]pyrimidin-7-amine 'C15 H12 F5 N5'
FMN non-polymer 'FLAVIN MONONUCLEOTIDE' 'C17 H21 N4 O9 P'
ORO non-polymer 'OROTIC ACID' 'C5 H4 N2 O4'
#
# COMPACT_ATOMS: atom_id res chain seq x y z
N TYR A 22 15.57 17.96 -8.78
CA TYR A 22 15.54 17.80 -10.26
C TYR A 22 16.66 16.90 -10.76
N ASN A 23 16.36 15.61 -10.88
CA ASN A 23 17.23 14.66 -11.59
C ASN A 23 16.78 14.64 -13.04
N PRO A 24 17.70 14.99 -13.96
CA PRO A 24 17.40 15.02 -15.40
C PRO A 24 16.64 13.79 -15.89
N GLU A 25 17.09 12.60 -15.48
CA GLU A 25 16.48 11.32 -15.86
C GLU A 25 14.98 11.27 -15.55
N PHE A 26 14.59 11.78 -14.39
CA PHE A 26 13.18 11.84 -14.00
C PHE A 26 12.38 12.72 -14.95
N PHE A 27 12.92 13.90 -15.26
CA PHE A 27 12.24 14.85 -16.14
C PHE A 27 12.04 14.30 -17.55
N LEU A 28 13.02 13.55 -18.05
CA LEU A 28 12.97 12.97 -19.39
C LEU A 28 11.89 11.90 -19.51
N TYR A 29 11.82 11.00 -18.53
CA TYR A 29 10.78 9.96 -18.47
C TYR A 29 9.38 10.53 -18.29
N ASP A 30 9.27 11.61 -17.52
CA ASP A 30 7.98 12.23 -17.22
C ASP A 30 7.36 12.93 -18.42
N ILE A 31 8.16 13.23 -19.44
CA ILE A 31 7.64 13.72 -20.71
C ILE A 31 6.93 12.57 -21.42
N PHE A 32 7.60 11.43 -21.50
CA PHE A 32 7.05 10.19 -22.09
C PHE A 32 5.80 9.71 -21.34
N LEU A 33 5.81 9.89 -20.03
CA LEU A 33 4.69 9.50 -19.18
C LEU A 33 3.48 10.42 -19.34
N LYS A 34 3.74 11.72 -19.45
CA LYS A 34 2.70 12.73 -19.76
C LYS A 34 2.04 12.43 -21.10
N PHE A 35 2.86 12.02 -22.07
CA PHE A 35 2.40 11.58 -23.38
C PHE A 35 1.56 10.31 -23.26
N CYS A 36 2.07 9.32 -22.53
CA CYS A 36 1.37 8.05 -22.32
C CYS A 36 0.00 8.25 -21.66
N LEU A 37 -0.09 9.22 -20.76
CA LEU A 37 -1.31 9.50 -20.02
C LEU A 37 -2.42 10.04 -20.93
N LYS A 38 -2.05 10.94 -21.84
CA LYS A 38 -3.00 11.60 -22.72
C LYS A 38 -3.56 10.65 -23.79
N TYR A 39 -2.72 9.72 -24.24
CA TYR A 39 -3.00 8.91 -25.43
C TYR A 39 -3.31 7.44 -25.19
N ILE A 40 -2.48 6.76 -24.40
CA ILE A 40 -2.52 5.30 -24.25
C ILE A 40 -3.49 4.84 -23.16
N ASP A 41 -3.99 3.61 -23.28
CA ASP A 41 -4.82 2.96 -22.27
C ASP A 41 -4.09 2.88 -20.93
N GLY A 42 -4.81 3.20 -19.85
CA GLY A 42 -4.27 3.23 -18.49
C GLY A 42 -3.47 2.03 -18.06
N GLU A 43 -4.05 0.84 -18.21
CA GLU A 43 -3.39 -0.39 -17.79
C GLU A 43 -2.23 -0.80 -18.70
N ILE A 44 -2.34 -0.50 -20.00
CA ILE A 44 -1.28 -0.82 -20.94
C ILE A 44 -0.03 0.02 -20.65
N CYS A 45 -0.23 1.29 -20.28
CA CYS A 45 0.85 2.15 -19.81
C CYS A 45 1.48 1.54 -18.57
N HIS A 46 0.64 1.30 -17.57
CA HIS A 46 1.07 0.73 -16.31
C HIS A 46 1.99 -0.45 -16.56
N ASP A 47 1.54 -1.39 -17.38
CA ASP A 47 2.30 -2.59 -17.66
C ASP A 47 3.63 -2.31 -18.35
N LEU A 48 3.64 -1.28 -19.20
CA LEU A 48 4.86 -0.91 -19.92
C LEU A 48 5.90 -0.36 -18.95
N PHE A 49 5.48 0.54 -18.05
CA PHE A 49 6.40 1.11 -17.08
C PHE A 49 6.90 0.09 -16.06
N LEU A 50 6.01 -0.80 -15.63
CA LEU A 50 6.38 -1.93 -14.78
C LEU A 50 7.39 -2.81 -15.51
N LEU A 51 7.22 -2.96 -16.82
CA LEU A 51 8.13 -3.74 -17.64
C LEU A 51 9.49 -3.07 -17.74
N LEU A 52 9.48 -1.75 -17.92
CA LEU A 52 10.71 -0.95 -17.93
C LEU A 52 11.49 -1.13 -16.62
N GLY A 53 10.80 -0.92 -15.50
CA GLY A 53 11.38 -1.15 -14.19
C GLY A 53 11.91 -2.56 -13.95
N LYS A 54 11.24 -3.56 -14.53
CA LYS A 54 11.69 -4.95 -14.41
C LYS A 54 13.07 -5.16 -15.02
N TYR A 55 13.33 -4.49 -16.15
CA TYR A 55 14.64 -4.57 -16.82
C TYR A 55 15.62 -3.48 -16.37
N ASN A 56 15.28 -2.84 -15.25
CA ASN A 56 16.17 -1.93 -14.53
C ASN A 56 16.63 -0.70 -15.32
N ILE A 57 15.70 -0.08 -16.05
CA ILE A 57 16.03 1.12 -16.80
C ILE A 57 15.31 2.38 -16.30
N LEU A 58 14.86 2.35 -15.05
CA LEU A 58 14.26 3.52 -14.42
C LEU A 58 15.30 4.35 -13.62
N PRO A 59 14.98 5.62 -13.31
CA PRO A 59 15.90 6.44 -12.52
C PRO A 59 15.92 6.02 -11.06
N TYR A 60 17.04 6.25 -10.39
CA TYR A 60 17.14 6.00 -8.95
C TYR A 60 17.11 7.32 -8.18
N ASP A 61 16.54 7.27 -6.97
CA ASP A 61 16.77 8.29 -5.97
C ASP A 61 17.78 7.73 -4.99
N THR A 62 19.03 8.18 -5.11
CA THR A 62 20.12 7.68 -4.28
C THR A 62 20.44 8.60 -3.09
N SER A 63 19.61 9.64 -2.90
CA SER A 63 19.84 10.63 -1.87
C SER A 63 19.57 10.14 -0.45
N ASN A 64 20.20 10.78 0.52
CA ASN A 64 19.93 10.52 1.95
C ASN A 64 18.61 11.10 2.40
N ASP A 65 17.79 10.27 3.04
CA ASP A 65 16.52 10.71 3.60
C ASP A 65 16.74 11.34 4.97
N SER A 66 16.06 12.45 5.22
CA SER A 66 16.14 13.16 6.50
C SER A 66 15.77 12.25 7.67
N ILE A 67 16.69 12.09 8.61
CA ILE A 67 16.45 11.28 9.82
C ILE A 67 15.29 11.87 10.65
N TYR A 68 15.01 13.15 10.41
CA TYR A 68 13.91 13.85 11.07
C TYR A 68 12.55 13.48 10.49
N ALA A 69 12.57 12.79 9.35
CA ALA A 69 11.33 12.44 8.64
C ALA A 69 11.09 10.93 8.60
N CYS A 70 11.91 10.17 9.30
CA CYS A 70 11.75 8.73 9.35
C CYS A 70 10.59 8.39 10.29
N THR A 71 10.09 7.16 10.20
CA THR A 71 8.92 6.75 10.99
C THR A 71 8.84 5.23 11.15
N ASN A 72 7.89 4.78 11.97
CA ASN A 72 7.71 3.37 12.26
C ASN A 72 6.27 2.97 12.60
N ILE A 73 6.01 1.67 12.53
CA ILE A 73 4.81 1.08 13.11
C ILE A 73 5.32 -0.09 13.95
N LYS A 74 5.25 0.07 15.27
CA LYS A 74 5.87 -0.85 16.23
C LYS A 74 7.37 -1.01 15.94
N HIS A 75 7.85 -2.25 15.83
CA HIS A 75 9.28 -2.49 15.58
C HIS A 75 9.63 -2.51 14.09
N LEU A 76 8.66 -2.13 13.26
CA LEU A 76 8.83 -2.03 11.81
C LEU A 76 9.23 -0.61 11.43
N ASP A 77 10.51 -0.40 11.14
CA ASP A 77 11.05 0.94 10.90
C ASP A 77 11.11 1.30 9.42
N PHE A 78 10.54 2.45 9.08
CA PHE A 78 10.50 2.95 7.71
C PHE A 78 11.48 4.11 7.55
N ILE A 79 12.42 3.99 6.62
CA ILE A 79 13.46 5.01 6.40
C ILE A 79 12.88 6.38 6.00
N ASN A 80 11.69 6.36 5.41
CA ASN A 80 10.92 7.56 5.08
C ASN A 80 9.42 7.22 5.08
N PRO A 81 8.54 8.23 5.13
CA PRO A 81 7.12 7.91 5.32
C PRO A 81 6.33 7.58 4.04
N PHE A 82 7.01 7.30 2.94
CA PHE A 82 6.29 7.06 1.68
C PHE A 82 6.54 5.71 1.04
N GLY A 83 5.45 5.03 0.72
CA GLY A 83 5.49 3.77 0.00
C GLY A 83 4.48 3.74 -1.12
N VAL A 84 4.40 2.61 -1.82
CA VAL A 84 3.46 2.43 -2.91
C VAL A 84 2.33 1.48 -2.49
N ALA A 85 1.10 1.88 -2.77
CA ALA A 85 -0.07 1.12 -2.35
C ALA A 85 -0.23 -0.19 -3.12
N ALA A 86 -1.08 -1.08 -2.61
CA ALA A 86 -1.40 -2.32 -3.29
C ALA A 86 -2.14 -2.08 -4.61
N GLY A 87 -2.07 -3.06 -5.50
CA GLY A 87 -2.68 -2.94 -6.82
C GLY A 87 -1.79 -2.26 -7.85
N PHE A 88 -0.58 -1.91 -7.45
CA PHE A 88 0.36 -1.27 -8.35
C PHE A 88 1.25 -2.34 -8.96
N ASP A 89 2.04 -3.00 -8.12
CA ASP A 89 2.81 -4.17 -8.53
C ASP A 89 2.12 -5.37 -7.89
N LYS A 90 1.00 -5.77 -8.50
CA LYS A 90 0.19 -6.89 -8.00
C LYS A 90 0.95 -8.21 -7.96
N ASN A 91 1.91 -8.38 -8.86
CA ASN A 91 2.65 -9.65 -8.96
C ASN A 91 4.11 -9.58 -8.51
N GLY A 92 4.52 -8.42 -8.01
CA GLY A 92 5.85 -8.24 -7.46
C GLY A 92 6.97 -8.40 -8.48
N VAL A 93 6.72 -7.94 -9.71
CA VAL A 93 7.66 -8.12 -10.81
C VAL A 93 8.63 -6.95 -10.94
N CYS A 94 8.34 -5.86 -10.23
CA CYS A 94 9.04 -4.59 -10.40
C CYS A 94 9.33 -3.92 -9.06
N ILE A 95 9.69 -4.73 -8.05
CA ILE A 95 9.84 -4.22 -6.69
C ILE A 95 11.08 -3.34 -6.53
N ASP A 96 12.22 -3.79 -7.05
CA ASP A 96 13.48 -3.07 -6.88
C ASP A 96 13.35 -1.65 -7.38
N SER A 97 12.84 -1.52 -8.61
CA SER A 97 12.82 -0.23 -9.30
C SER A 97 11.83 0.74 -8.70
N ILE A 98 10.67 0.23 -8.30
CA ILE A 98 9.69 1.08 -7.64
C ILE A 98 10.29 1.59 -6.33
N LEU A 99 10.83 0.66 -5.53
CA LEU A 99 11.48 1.06 -4.29
C LEU A 99 12.52 2.14 -4.55
N LYS A 100 13.40 1.88 -5.52
CA LYS A 100 14.52 2.77 -5.81
C LYS A 100 14.14 4.14 -6.39
N LEU A 101 12.85 4.36 -6.63
CA LEU A 101 12.39 5.70 -6.99
C LEU A 101 12.38 6.60 -5.78
N GLY A 102 12.66 6.01 -4.62
CA GLY A 102 12.81 6.77 -3.39
C GLY A 102 11.77 6.42 -2.35
N PHE A 103 11.05 5.33 -2.57
CA PHE A 103 10.04 4.88 -1.62
C PHE A 103 10.68 4.04 -0.53
N SER A 104 10.12 4.12 0.68
CA SER A 104 10.62 3.35 1.82
C SER A 104 10.06 1.93 1.80
N PHE A 105 8.86 1.78 1.26
CA PHE A 105 8.22 0.48 1.18
C PHE A 105 7.29 0.32 -0.01
N ILE A 106 6.96 -0.93 -0.30
CA ILE A 106 5.95 -1.24 -1.29
C ILE A 106 5.03 -2.30 -0.71
N GLU A 107 3.76 -2.23 -1.09
CA GLU A 107 2.77 -3.21 -0.69
C GLU A 107 2.28 -3.92 -1.94
N ILE A 108 2.78 -5.14 -2.16
CA ILE A 108 2.48 -5.89 -3.38
C ILE A 108 1.17 -6.66 -3.21
N GLY A 109 0.62 -7.13 -4.33
CA GLY A 109 -0.72 -7.68 -4.32
C GLY A 109 -1.74 -6.61 -4.63
N THR A 110 -3.01 -6.80 -4.27
CA THR A 110 -3.50 -7.95 -3.51
C THR A 110 -3.39 -9.27 -4.25
N ILE A 111 -2.69 -10.22 -3.66
CA ILE A 111 -2.57 -11.55 -4.24
C ILE A 111 -3.71 -12.46 -3.82
N THR A 112 -3.95 -13.49 -4.61
CA THR A 112 -4.91 -14.53 -4.26
C THR A 112 -4.17 -15.87 -4.27
N PRO A 113 -4.79 -16.93 -3.71
CA PRO A 113 -4.15 -18.25 -3.72
C PRO A 113 -3.87 -18.76 -5.13
N ARG A 114 -4.86 -18.68 -6.01
CA ARG A 114 -4.70 -19.15 -7.37
C ARG A 114 -4.90 -18.02 -8.39
N GLY A 115 -4.20 -18.13 -9.51
CA GLY A 115 -4.17 -17.09 -10.54
C GLY A 115 -5.55 -16.73 -11.05
N GLN A 116 -5.77 -15.43 -11.27
CA GLN A 116 -7.04 -14.93 -11.80
C GLN A 116 -6.80 -13.97 -12.96
N THR A 117 -7.73 -13.97 -13.90
CA THR A 117 -7.69 -13.01 -15.00
C THR A 117 -8.30 -11.68 -14.58
N GLY A 118 -9.25 -11.73 -13.64
CA GLY A 118 -9.98 -10.55 -13.21
C GLY A 118 -11.15 -10.28 -14.14
N ASN A 119 -11.57 -9.02 -14.22
CA ASN A 119 -12.72 -8.64 -15.04
C ASN A 119 -12.35 -8.43 -16.51
N ALA A 120 -13.27 -7.89 -17.29
CA ALA A 120 -13.06 -7.66 -18.72
C ALA A 120 -12.37 -6.31 -18.95
N LYS A 121 -11.42 -6.29 -19.89
CA LYS A 121 -10.71 -5.07 -20.27
C LYS A 121 -11.47 -4.26 -21.32
N PRO A 122 -11.34 -2.91 -21.31
CA PRO A 122 -10.57 -2.09 -20.38
C PRO A 122 -11.27 -1.90 -19.04
N ARG A 123 -10.50 -2.04 -17.96
CA ARG A 123 -11.05 -2.06 -16.60
C ARG A 123 -10.49 -0.93 -15.73
N ILE A 124 -9.59 -0.12 -16.29
CA ILE A 124 -9.07 1.05 -15.59
C ILE A 124 -9.13 2.28 -16.49
N PHE A 125 -9.66 3.36 -15.94
CA PHE A 125 -9.80 4.63 -16.65
C PHE A 125 -9.40 5.79 -15.74
N ARG A 126 -8.85 6.85 -16.34
CA ARG A 126 -8.31 7.98 -15.58
C ARG A 126 -8.90 9.30 -16.03
N ASP A 127 -8.78 10.31 -15.17
CA ASP A 127 -9.21 11.67 -15.49
C ASP A 127 -8.19 12.69 -15.00
N VAL A 128 -7.48 13.29 -15.95
CA VAL A 128 -6.42 14.26 -15.64
C VAL A 128 -6.95 15.46 -14.87
N GLU A 129 -8.03 16.05 -15.39
CA GLU A 129 -8.67 17.23 -14.80
C GLU A 129 -8.88 17.12 -13.29
N SER A 130 -9.44 15.99 -12.85
CA SER A 130 -9.78 15.76 -11.45
C SER A 130 -8.72 14.99 -10.67
N ARG A 131 -7.68 14.54 -11.38
CA ARG A 131 -6.63 13.70 -10.80
C ARG A 131 -7.22 12.48 -10.09
N SER A 132 -8.10 11.77 -10.80
CA SER A 132 -8.77 10.60 -10.26
C SER A 132 -8.69 9.37 -11.17
N ILE A 133 -8.95 8.20 -10.59
CA ILE A 133 -8.97 6.94 -11.33
C ILE A 133 -10.16 6.10 -10.87
N ILE A 134 -10.89 5.54 -11.83
CA ILE A 134 -11.87 4.50 -11.53
C ILE A 134 -11.35 3.15 -12.05
N ASN A 135 -11.58 2.10 -11.28
CA ASN A 135 -11.14 0.77 -11.67
C ASN A 135 -12.05 -0.34 -11.19
N SER A 136 -12.09 -1.41 -11.97
CA SER A 136 -12.75 -2.64 -11.60
C SER A 136 -11.91 -3.80 -12.14
N CYS A 137 -10.71 -3.96 -11.56
CA CYS A 137 -9.79 -5.01 -11.98
C CYS A 137 -10.35 -6.40 -11.68
N GLY A 138 -10.94 -6.53 -10.49
CA GLY A 138 -11.51 -7.80 -10.04
C GLY A 138 -10.42 -8.78 -9.65
N PHE A 139 -9.38 -8.25 -8.99
CA PHE A 139 -8.29 -9.06 -8.42
C PHE A 139 -7.55 -9.97 -9.40
N ASN A 140 -6.99 -9.39 -10.45
CA ASN A 140 -6.10 -10.13 -11.32
C ASN A 140 -4.72 -10.27 -10.68
N ASN A 141 -4.17 -11.49 -10.71
CA ASN A 141 -2.82 -11.73 -10.22
C ASN A 141 -2.33 -13.11 -10.64
N MET A 142 -1.02 -13.30 -10.63
CA MET A 142 -0.42 -14.54 -11.09
C MET A 142 -0.65 -15.71 -10.12
N GLY A 143 -1.23 -15.41 -8.97
CA GLY A 143 -1.43 -16.42 -7.94
C GLY A 143 -0.28 -16.45 -6.97
N CYS A 144 -0.49 -17.05 -5.81
CA CYS A 144 0.48 -17.04 -4.71
C CYS A 144 1.82 -17.67 -5.07
N ASP A 145 1.79 -18.89 -5.62
CA ASP A 145 3.01 -19.64 -5.98
C ASP A 145 4.00 -18.82 -6.81
N LYS A 146 3.50 -18.18 -7.85
CA LYS A 146 4.30 -17.39 -8.78
C LYS A 146 4.76 -16.07 -8.15
N VAL A 147 3.86 -15.42 -7.40
CA VAL A 147 4.22 -14.18 -6.71
C VAL A 147 5.25 -14.43 -5.61
N THR A 148 5.11 -15.55 -4.89
CA THR A 148 6.09 -15.95 -3.88
C THR A 148 7.45 -16.17 -4.56
N GLU A 149 7.41 -16.78 -5.74
CA GLU A 149 8.60 -17.02 -6.54
C GLU A 149 9.28 -15.70 -6.90
N ASN A 150 8.48 -14.70 -7.28
CA ASN A 150 9.01 -13.36 -7.55
C ASN A 150 9.60 -12.68 -6.31
N LEU A 151 8.90 -12.78 -5.19
CA LEU A 151 9.38 -12.14 -3.95
C LEU A 151 10.69 -12.75 -3.44
N ILE A 152 10.80 -14.08 -3.54
CA ILE A 152 12.04 -14.77 -3.20
C ILE A 152 13.20 -14.18 -4.00
N LEU A 153 13.00 -14.07 -5.32
CA LEU A 153 14.03 -13.53 -6.21
C LEU A 153 14.43 -12.12 -5.83
N PHE A 154 13.45 -11.29 -5.42
CA PHE A 154 13.75 -9.95 -4.96
C PHE A 154 14.57 -9.97 -3.67
N ARG A 155 14.20 -10.87 -2.75
CA ARG A 155 14.84 -10.92 -1.44
C ARG A 155 16.30 -11.32 -1.55
N LYS A 156 16.60 -12.16 -2.54
CA LYS A 156 17.98 -12.52 -2.83
C LYS A 156 18.77 -11.29 -3.30
N ARG A 157 18.22 -10.56 -4.27
CA ARG A 157 18.83 -9.34 -4.80
C ARG A 157 19.10 -8.32 -3.69
N GLN A 158 18.11 -8.14 -2.81
CA GLN A 158 18.19 -7.19 -1.72
C GLN A 158 19.44 -7.36 -0.86
N GLU A 159 19.92 -8.60 -0.73
CA GLU A 159 21.13 -8.90 0.04
C GLU A 159 22.39 -8.41 -0.68
N GLU A 160 22.28 -8.21 -1.98
CA GLU A 160 23.41 -7.82 -2.81
C GLU A 160 23.23 -6.46 -3.48
N ASP A 161 22.39 -5.63 -2.87
CA ASP A 161 22.11 -4.29 -3.40
C ASP A 161 22.01 -3.27 -2.27
N LYS A 162 22.94 -2.31 -2.27
CA LYS A 162 23.04 -1.28 -1.22
C LYS A 162 21.78 -0.41 -1.12
N LEU A 163 21.10 -0.23 -2.25
CA LEU A 163 19.96 0.68 -2.30
C LEU A 163 18.65 0.04 -1.82
N LEU A 164 18.68 -1.25 -1.55
CA LEU A 164 17.48 -1.97 -1.14
C LEU A 164 17.50 -2.34 0.34
N SER A 165 18.63 -2.14 0.98
CA SER A 165 18.77 -2.35 2.42
C SER A 165 17.72 -1.55 3.18
N LYS A 166 17.16 -2.18 4.21
CA LYS A 166 16.20 -1.55 5.12
C LYS A 166 14.86 -1.21 4.45
N HIS A 167 14.73 -1.50 3.16
CA HIS A 167 13.49 -1.22 2.44
C HIS A 167 12.45 -2.31 2.71
N ILE A 168 11.23 -1.88 3.01
CA ILE A 168 10.17 -2.76 3.49
C ILE A 168 9.25 -3.23 2.35
N VAL A 169 8.95 -4.52 2.33
CA VAL A 169 8.00 -5.07 1.38
C VAL A 169 6.87 -5.80 2.12
N GLY A 170 5.67 -5.25 2.01
CA GLY A 170 4.46 -5.86 2.57
C GLY A 170 3.68 -6.61 1.49
N VAL A 171 2.85 -7.55 1.91
CA VAL A 171 2.07 -8.35 0.98
C VAL A 171 0.58 -8.23 1.30
N SER A 172 -0.21 -7.75 0.34
CA SER A 172 -1.65 -7.69 0.52
C SER A 172 -2.29 -8.99 0.07
N ILE A 173 -3.01 -9.64 0.98
CA ILE A 173 -3.65 -10.91 0.68
C ILE A 173 -5.18 -10.79 0.67
N GLY A 174 -5.79 -11.58 -0.22
CA GLY A 174 -7.25 -11.62 -0.36
C GLY A 174 -7.73 -12.97 -0.84
N LYS A 175 -9.03 -13.07 -1.08
CA LYS A 175 -9.68 -14.31 -1.52
C LYS A 175 -9.91 -14.30 -3.02
N ASN A 176 -10.17 -15.47 -3.60
CA ASN A 176 -10.62 -15.55 -4.98
C ASN A 176 -12.08 -15.10 -5.07
N LYS A 177 -12.52 -14.73 -6.27
CA LYS A 177 -13.86 -14.17 -6.47
C LYS A 177 -14.96 -15.12 -5.98
N ASP A 178 -14.66 -16.42 -6.02
CA ASP A 178 -15.65 -17.46 -5.75
C ASP A 178 -15.21 -18.41 -4.62
N THR A 179 -14.41 -17.88 -3.69
CA THR A 179 -13.86 -18.67 -2.59
C THR A 179 -14.95 -19.28 -1.71
N VAL A 180 -14.67 -20.51 -1.24
CA VAL A 180 -15.57 -21.23 -0.33
C VAL A 180 -15.63 -20.54 1.06
N ASN A 181 -14.47 -20.33 1.68
CA ASN A 181 -14.35 -19.53 2.91
C ASN A 181 -13.07 -18.70 2.94
N ILE A 182 -13.24 -17.41 3.18
CA ILE A 182 -12.19 -16.41 3.06
C ILE A 182 -10.95 -16.67 3.93
N VAL A 183 -11.16 -17.31 5.08
CA VAL A 183 -10.09 -17.62 6.04
C VAL A 183 -9.11 -18.65 5.47
N ASP A 184 -9.65 -19.68 4.82
CA ASP A 184 -8.86 -20.79 4.29
C ASP A 184 -7.89 -20.34 3.20
N ASP A 185 -8.29 -19.28 2.48
CA ASP A 185 -7.47 -18.69 1.43
C ASP A 185 -6.27 -17.94 2.02
N LEU A 186 -6.54 -17.09 3.00
CA LEU A 186 -5.51 -16.27 3.63
C LEU A 186 -4.45 -17.09 4.34
N LYS A 187 -4.85 -18.28 4.81
CA LYS A 187 -3.92 -19.22 5.43
C LYS A 187 -2.93 -19.78 4.41
N TYR A 188 -3.44 -20.21 3.26
CA TYR A 188 -2.61 -20.71 2.16
C TYR A 188 -1.57 -19.68 1.74
N CYS A 189 -1.99 -18.42 1.64
CA CYS A 189 -1.11 -17.32 1.27
C CYS A 189 0.00 -17.11 2.29
N ILE A 190 -0.37 -17.07 3.57
CA ILE A 190 0.60 -16.91 4.64
C ILE A 190 1.61 -18.07 4.62
N ASN A 191 1.12 -19.27 4.34
CA ASN A 191 1.99 -20.45 4.26
C ASN A 191 3.07 -20.41 3.19
N LYS A 192 2.76 -19.76 2.08
CA LYS A 192 3.71 -19.64 0.98
C LYS A 192 4.62 -18.42 1.13
N ILE A 193 4.00 -17.27 1.38
CA ILE A 193 4.70 -15.99 1.26
C ILE A 193 5.13 -15.36 2.59
N GLY A 194 4.50 -15.80 3.68
CA GLY A 194 4.73 -15.22 5.02
C GLY A 194 6.18 -15.04 5.38
N ARG A 195 6.98 -16.06 5.09
CA ARG A 195 8.43 -16.05 5.34
C ARG A 195 9.15 -14.81 4.78
N TYR A 196 8.63 -14.27 3.69
CA TYR A 196 9.32 -13.27 2.89
C TYR A 196 8.69 -11.89 2.99
N ALA A 197 7.61 -11.80 3.75
CA ALA A 197 6.91 -10.53 3.91
C ALA A 197 7.32 -9.85 5.21
N ASP A 198 7.55 -8.54 5.12
CA ASP A 198 7.78 -7.72 6.30
C ASP A 198 6.47 -7.48 7.04
N TYR A 199 5.36 -7.54 6.30
CA TYR A 199 4.05 -7.51 6.90
C TYR A 199 2.98 -8.07 5.95
N ILE A 200 1.81 -8.32 6.51
CA ILE A 200 0.66 -8.82 5.76
C ILE A 200 -0.47 -7.80 5.87
N ALA A 201 -1.01 -7.42 4.72
CA ALA A 201 -2.19 -6.56 4.67
C ALA A 201 -3.41 -7.40 4.30
N ILE A 202 -4.36 -7.50 5.22
CA ILE A 202 -5.61 -8.20 4.98
C ILE A 202 -6.49 -7.34 4.10
N ASN A 203 -6.80 -7.83 2.91
CA ASN A 203 -7.73 -7.13 2.03
C ASN A 203 -9.09 -7.81 1.93
N VAL A 204 -10.08 -7.14 2.51
CA VAL A 204 -11.50 -7.52 2.42
C VAL A 204 -12.32 -6.25 2.16
N SER A 205 -11.64 -5.24 1.61
CA SER A 205 -12.18 -3.89 1.43
C SER A 205 -12.40 -3.48 -0.04
N SER A 206 -12.14 -4.41 -0.96
CA SER A 206 -12.33 -4.16 -2.39
C SER A 206 -13.81 -4.01 -2.75
N PRO A 207 -14.17 -2.89 -3.42
CA PRO A 207 -15.53 -2.70 -3.91
C PRO A 207 -15.79 -3.54 -5.17
N ASN A 208 -14.74 -4.16 -5.70
CA ASN A 208 -14.81 -4.98 -6.90
C ASN A 208 -14.63 -6.46 -6.57
N GLN A 216 -16.67 -5.67 7.58
CA GLN A 216 -17.54 -6.83 7.54
C GLN A 216 -18.27 -7.05 8.88
N GLU A 217 -18.92 -8.20 9.02
CA GLU A 217 -19.52 -8.61 10.30
C GLU A 217 -18.42 -8.67 11.35
N ALA A 218 -18.60 -7.91 12.43
CA ALA A 218 -17.59 -7.78 13.49
C ALA A 218 -16.85 -9.09 13.79
N GLY A 219 -17.60 -10.11 14.20
CA GLY A 219 -17.04 -11.42 14.56
C GLY A 219 -16.48 -12.19 13.39
N LYS A 220 -17.07 -12.00 12.21
CA LYS A 220 -16.59 -12.61 10.97
C LYS A 220 -15.20 -12.07 10.65
N LEU A 221 -15.06 -10.75 10.77
CA LEU A 221 -13.78 -10.06 10.61
C LEU A 221 -12.79 -10.42 11.72
N LYS A 222 -13.27 -10.39 12.96
CA LYS A 222 -12.47 -10.77 14.12
C LYS A 222 -11.89 -12.17 13.96
N ASN A 223 -12.71 -13.07 13.44
CA ASN A 223 -12.30 -14.44 13.17
C ASN A 223 -11.11 -14.46 12.22
N ILE A 224 -11.19 -13.66 11.15
CA ILE A 224 -10.16 -13.59 10.13
C ILE A 224 -8.82 -13.13 10.72
N ILE A 225 -8.82 -11.98 11.39
CA ILE A 225 -7.61 -11.41 11.97
C ILE A 225 -6.89 -12.41 12.87
N LEU A 226 -7.64 -13.08 13.74
CA LEU A 226 -7.08 -14.08 14.64
C LEU A 226 -6.55 -15.30 13.89
N SER A 227 -7.21 -15.66 12.79
CA SER A 227 -6.71 -16.73 11.92
C SER A 227 -5.33 -16.40 11.39
N VAL A 228 -5.17 -15.14 10.96
CA VAL A 228 -3.94 -14.67 10.35
C VAL A 228 -2.77 -14.73 11.34
N LYS A 229 -2.95 -14.12 12.51
CA LYS A 229 -1.94 -14.13 13.57
C LYS A 229 -1.61 -15.56 13.98
N GLU A 230 -2.64 -16.36 14.19
CA GLU A 230 -2.48 -17.78 14.53
C GLU A 230 -1.70 -18.51 13.44
N GLU A 231 -1.99 -18.18 12.19
CA GLU A 231 -1.37 -18.84 11.04
C GLU A 231 0.09 -18.44 10.83
N ILE A 232 0.40 -17.18 11.12
CA ILE A 232 1.77 -16.65 11.03
C ILE A 232 2.67 -17.31 12.06
N ASP A 233 2.15 -17.45 13.29
CA ASP A 233 2.88 -18.04 14.40
C ASP A 233 3.20 -19.52 14.17
N ASN A 234 2.35 -20.20 13.41
CA ASN A 234 2.58 -21.60 13.05
C ASN A 234 3.83 -21.80 12.20
N LEU A 235 4.17 -20.78 11.40
CA LEU A 235 5.38 -20.80 10.58
C LEU A 235 6.64 -20.83 11.43
N GLU A 236 6.59 -20.13 12.56
CA GLU A 236 7.70 -20.11 13.50
C GLU A 236 7.86 -21.47 14.18
N LYS A 237 6.73 -22.11 14.49
CA LYS A 237 6.72 -23.44 15.10
C LYS A 237 7.38 -24.47 14.20
N ASN A 238 6.76 -24.72 13.06
CA ASN A 238 7.13 -25.80 12.14
C ASN A 238 8.58 -25.77 11.63
N ASN A 239 9.22 -24.61 11.68
CA ASN A 239 10.62 -24.50 11.29
C ASN A 239 11.58 -24.98 12.37
N ILE A 240 12.71 -25.52 11.94
CA ILE A 240 13.76 -25.97 12.84
C ILE A 240 14.93 -24.99 12.88
N MET A 241 14.82 -23.92 12.13
CA MET A 241 15.86 -22.92 12.03
C MET A 241 15.55 -21.77 12.92
N ASN A 242 16.57 -21.02 13.28
CA ASN A 242 16.37 -19.87 14.12
C ASN A 242 15.63 -18.84 13.33
N ASP A 243 15.08 -17.87 14.01
CA ASP A 243 14.29 -16.87 13.34
C ASP A 243 15.14 -16.16 12.32
N GLU A 244 16.39 -15.95 12.63
CA GLU A 244 17.19 -15.16 11.75
C GLU A 244 17.09 -15.82 10.39
N PHE A 245 17.09 -17.12 10.31
CA PHE A 245 16.93 -17.72 9.01
C PHE A 245 15.47 -17.94 8.75
N LEU A 246 14.66 -17.75 9.77
CA LEU A 246 13.24 -17.91 9.57
C LEU A 246 12.71 -16.81 8.66
N TRP A 247 13.10 -15.58 8.95
CA TRP A 247 12.58 -14.45 8.20
C TRP A 247 13.46 -14.02 7.08
N PHE A 248 13.18 -14.48 5.88
CA PHE A 248 13.94 -14.01 4.76
C PHE A 248 13.24 -12.75 4.35
N ASN A 249 13.41 -11.72 5.14
CA ASN A 249 12.70 -10.49 4.92
C ASN A 249 13.50 -9.40 5.55
N THR A 250 13.12 -8.17 5.33
CA THR A 250 13.91 -7.10 5.87
C THR A 250 13.98 -7.12 7.38
N THR A 251 12.85 -7.30 8.04
CA THR A 251 12.83 -7.31 9.50
C THR A 251 13.56 -8.47 10.11
N LYS A 252 13.44 -9.63 9.52
CA LYS A 252 14.10 -10.78 10.08
C LYS A 252 13.29 -11.17 11.29
N LYS A 253 12.10 -10.63 11.36
CA LYS A 253 11.17 -10.89 12.44
C LYS A 253 9.87 -11.22 11.77
N LYS A 254 8.92 -11.76 12.51
CA LYS A 254 7.65 -12.19 11.92
C LYS A 254 6.88 -11.00 11.32
N PRO A 255 6.12 -11.24 10.22
CA PRO A 255 5.31 -10.20 9.59
C PRO A 255 4.34 -9.57 10.57
N LEU A 256 4.24 -8.24 10.53
CA LEU A 256 3.18 -7.54 11.24
C LEU A 256 1.88 -7.78 10.49
N VAL A 257 0.76 -7.50 11.15
CA VAL A 257 -0.55 -7.72 10.55
C VAL A 257 -1.33 -6.42 10.45
N PHE A 258 -1.53 -5.97 9.21
CA PHE A 258 -2.38 -4.81 8.94
C PHE A 258 -3.68 -5.26 8.30
N VAL A 259 -4.72 -4.46 8.50
CA VAL A 259 -6.01 -4.66 7.85
C VAL A 259 -6.39 -3.41 7.05
N LYS A 260 -6.88 -3.62 5.83
CA LYS A 260 -7.32 -2.54 4.97
C LYS A 260 -8.83 -2.39 5.01
N LEU A 261 -9.29 -1.15 5.14
CA LEU A 261 -10.72 -0.87 5.29
C LEU A 261 -11.27 -0.01 4.16
N ALA A 262 -12.49 -0.34 3.73
CA ALA A 262 -13.22 0.42 2.72
C ALA A 262 -13.91 1.61 3.39
N PRO A 263 -14.02 2.75 2.69
CA PRO A 263 -14.55 3.96 3.32
C PRO A 263 -16.08 4.04 3.33
N ASP A 264 -16.73 3.32 2.42
CA ASP A 264 -18.18 3.34 2.30
C ASP A 264 -18.83 2.59 3.45
N LEU A 265 -18.79 3.19 4.64
CA LEU A 265 -19.33 2.57 5.84
C LEU A 265 -20.06 3.58 6.72
N ASN A 266 -21.02 3.09 7.50
CA ASN A 266 -21.74 3.88 8.50
C ASN A 266 -20.87 4.25 9.68
N GLN A 267 -21.25 5.32 10.38
CA GLN A 267 -20.60 5.71 11.62
C GLN A 267 -20.71 4.59 12.66
N GLU A 268 -21.64 3.67 12.42
CA GLU A 268 -21.94 2.56 13.31
C GLU A 268 -20.95 1.40 13.14
N GLN A 269 -20.83 0.91 11.91
CA GLN A 269 -19.91 -0.20 11.61
C GLN A 269 -18.44 0.18 11.73
N LYS A 270 -18.15 1.47 11.59
CA LYS A 270 -16.83 2.03 11.84
C LYS A 270 -16.45 1.91 13.32
N LYS A 271 -17.43 2.15 14.19
CA LYS A 271 -17.27 1.95 15.62
C LYS A 271 -17.09 0.45 15.93
N GLU A 272 -17.86 -0.38 15.23
CA GLU A 272 -17.88 -1.81 15.48
C GLU A 272 -16.58 -2.49 15.06
N ILE A 273 -15.99 -2.02 13.96
CA ILE A 273 -14.70 -2.51 13.47
C ILE A 273 -13.55 -2.13 14.43
N ALA A 274 -13.59 -0.89 14.91
CA ALA A 274 -12.54 -0.35 15.77
C ALA A 274 -12.25 -1.19 17.01
N ASP A 275 -13.30 -1.67 17.66
CA ASP A 275 -13.16 -2.53 18.84
C ASP A 275 -12.54 -3.87 18.48
N VAL A 276 -13.00 -4.46 17.37
CA VAL A 276 -12.47 -5.74 16.86
C VAL A 276 -10.95 -5.66 16.68
N LEU A 277 -10.48 -4.56 16.10
CA LEU A 277 -9.06 -4.35 15.89
C LEU A 277 -8.30 -4.24 17.22
N LEU A 278 -8.93 -3.57 18.18
CA LEU A 278 -8.37 -3.41 19.53
C LEU A 278 -8.32 -4.73 20.29
N GLU A 279 -9.37 -5.55 20.12
CA GLU A 279 -9.50 -6.84 20.79
C GLU A 279 -8.53 -7.89 20.24
N THR A 280 -8.03 -7.65 19.03
CA THR A 280 -7.11 -8.58 18.36
C THR A 280 -5.66 -8.10 18.42
N ASN A 281 -5.43 -6.99 19.14
CA ASN A 281 -4.15 -6.26 19.11
C ASN A 281 -3.45 -6.30 17.75
N ILE A 282 -4.21 -5.95 16.72
CA ILE A 282 -3.72 -5.94 15.34
C ILE A 282 -2.63 -4.89 15.18
N ASP A 283 -1.59 -5.21 14.42
CA ASP A 283 -0.38 -4.38 14.37
C ASP A 283 -0.59 -2.99 13.74
N GLY A 284 -1.62 -2.86 12.91
CA GLY A 284 -1.94 -1.59 12.26
C GLY A 284 -3.12 -1.67 11.30
N MET A 285 -3.60 -0.51 10.86
CA MET A 285 -4.73 -0.45 9.94
C MET A 285 -4.48 0.48 8.76
N ILE A 286 -4.71 -0.02 7.55
CA ILE A 286 -4.58 0.79 6.35
C ILE A 286 -5.90 1.46 6.02
N ILE A 287 -5.91 2.78 6.11
CA ILE A 287 -7.09 3.58 5.81
C ILE A 287 -6.73 4.51 4.66
N SER A 288 -7.34 4.35 3.47
CA SER A 288 -8.43 3.41 3.19
C SER A 288 -8.35 2.90 1.74
N ASN A 289 -9.32 2.08 1.33
CA ASN A 289 -9.42 1.61 -0.06
C ASN A 289 -10.24 2.60 -0.92
N THR A 290 -10.74 2.14 -2.06
CA THR A 290 -11.47 2.99 -3.01
C THR A 290 -12.96 3.11 -2.69
N THR A 291 -13.61 4.16 -3.20
CA THR A 291 -15.05 4.40 -2.98
C THR A 291 -15.90 4.25 -4.23
N THR A 292 -17.18 3.96 -4.02
CA THR A 292 -18.18 3.99 -5.08
C THR A 292 -19.05 5.24 -4.93
N GLN A 293 -18.96 5.88 -3.76
CA GLN A 293 -19.82 6.98 -3.38
C GLN A 293 -19.44 8.32 -3.99
N ILE A 294 -18.95 8.29 -5.24
CA ILE A 294 -18.67 9.50 -6.00
C ILE A 294 -19.42 9.45 -7.33
N ASN A 295 -20.21 10.50 -7.58
CA ASN A 295 -21.08 10.56 -8.76
C ASN A 295 -20.76 11.75 -9.66
N ASP A 296 -19.89 12.64 -9.19
CA ASP A 296 -19.68 13.94 -9.84
C ASP A 296 -18.47 14.01 -10.79
N ILE A 297 -18.22 12.93 -11.53
CA ILE A 297 -17.23 12.96 -12.61
C ILE A 297 -17.92 12.57 -13.92
N LYS A 298 -17.88 13.47 -14.90
CA LYS A 298 -18.58 13.29 -16.19
C LYS A 298 -18.07 12.10 -17.01
N SER A 299 -16.78 11.82 -16.92
CA SER A 299 -16.20 10.67 -17.61
C SER A 299 -16.41 9.36 -16.84
N PHE A 300 -16.71 9.46 -15.54
CA PHE A 300 -16.96 8.28 -14.71
C PHE A 300 -18.42 7.86 -14.70
N GLU A 301 -19.30 8.76 -15.16
CA GLU A 301 -20.73 8.50 -15.34
C GLU A 301 -20.95 7.25 -16.19
N ASN A 302 -20.04 7.03 -17.14
CA ASN A 302 -20.03 5.88 -18.02
C ASN A 302 -19.63 4.57 -17.30
N LYS A 303 -18.55 4.63 -16.51
CA LYS A 303 -17.85 3.44 -16.04
C LYS A 303 -18.26 2.92 -14.66
N LYS A 304 -17.87 1.67 -14.38
CA LYS A 304 -18.15 1.01 -13.10
C LYS A 304 -16.85 0.70 -12.35
N GLY A 305 -16.93 0.63 -11.01
CA GLY A 305 -15.79 0.28 -10.17
C GLY A 305 -15.47 1.29 -9.07
N GLY A 306 -14.46 0.98 -8.27
CA GLY A 306 -14.02 1.85 -7.18
C GLY A 306 -13.22 3.04 -7.67
N VAL A 307 -13.23 4.13 -6.90
CA VAL A 307 -12.61 5.40 -7.32
C VAL A 307 -11.47 5.81 -6.38
N SER A 308 -10.39 6.29 -6.97
CA SER A 308 -9.22 6.78 -6.23
C SER A 308 -8.70 8.08 -6.84
N GLY A 309 -7.86 8.79 -6.09
CA GLY A 309 -7.30 10.05 -6.55
C GLY A 309 -7.61 11.22 -5.64
N ALA A 310 -7.58 12.43 -6.20
CA ALA A 310 -7.76 13.67 -5.45
C ALA A 310 -9.13 13.79 -4.77
N LYS A 311 -10.18 13.32 -5.45
CA LYS A 311 -11.53 13.39 -4.89
C LYS A 311 -11.75 12.44 -3.70
N LEU A 312 -10.80 11.54 -3.49
CA LEU A 312 -10.80 10.64 -2.33
C LEU A 312 -10.06 11.23 -1.12
N LYS A 313 -9.29 12.29 -1.35
CA LYS A 313 -8.45 12.88 -0.31
C LYS A 313 -9.22 13.23 0.97
N ASP A 314 -10.21 14.11 0.84
CA ASP A 314 -10.97 14.63 1.98
C ASP A 314 -11.79 13.57 2.70
N ILE A 315 -12.41 12.67 1.93
CA ILE A 315 -13.20 11.57 2.49
C ILE A 315 -12.32 10.62 3.30
N SER A 316 -11.13 10.34 2.77
CA SER A 316 -10.19 9.42 3.40
C SER A 316 -9.60 9.98 4.69
N THR A 317 -9.41 11.30 4.74
CA THR A 317 -8.84 11.98 5.91
C THR A 317 -9.81 11.97 7.10
N LYS A 318 -11.09 12.26 6.82
CA LYS A 318 -12.14 12.18 7.84
C LYS A 318 -12.22 10.77 8.45
N PHE A 319 -12.11 9.76 7.60
CA PHE A 319 -12.09 8.36 8.01
C PHE A 319 -10.96 8.09 9.03
N ILE A 320 -9.76 8.63 8.76
CA ILE A 320 -8.62 8.46 9.66
C ILE A 320 -8.92 9.08 11.02
N CYS A 321 -9.40 10.33 11.02
CA CYS A 321 -9.85 11.00 12.25
C CYS A 321 -10.83 10.12 13.03
N GLU A 322 -11.86 9.64 12.33
CA GLU A 322 -12.89 8.78 12.91
C GLU A 322 -12.31 7.52 13.57
N MET A 323 -11.49 6.78 12.83
CA MET A 323 -10.91 5.53 13.34
C MET A 323 -9.82 5.77 14.38
N TYR A 324 -9.26 6.97 14.40
CA TYR A 324 -8.31 7.37 15.44
C TYR A 324 -9.06 7.65 16.74
N ASN A 325 -10.27 8.20 16.62
CA ASN A 325 -11.15 8.40 17.77
C ASN A 325 -11.55 7.07 18.43
N TYR A 326 -12.13 6.18 17.63
CA TYR A 326 -12.69 4.92 18.15
C TYR A 326 -11.62 3.89 18.49
N THR A 327 -10.35 4.29 18.46
CA THR A 327 -9.25 3.38 18.71
C THR A 327 -8.34 3.87 19.85
N ASN A 328 -8.58 5.09 20.31
CA ASN A 328 -7.81 5.71 21.40
C ASN A 328 -6.31 5.77 21.14
N LYS A 329 -5.95 6.06 19.88
CA LYS A 329 -4.55 6.21 19.44
C LYS A 329 -3.68 4.98 19.73
N GLN A 330 -4.30 3.80 19.75
CA GLN A 330 -3.61 2.56 20.12
C GLN A 330 -3.10 1.78 18.91
N ILE A 331 -3.92 1.70 17.87
CA ILE A 331 -3.54 1.00 16.64
C ILE A 331 -3.02 2.00 15.59
N PRO A 332 -1.76 1.82 15.16
CA PRO A 332 -1.12 2.70 14.17
C PRO A 332 -1.79 2.63 12.80
N ILE A 333 -1.67 3.72 12.03
CA ILE A 333 -2.38 3.85 10.76
C ILE A 333 -1.44 4.05 9.57
N ILE A 334 -1.75 3.35 8.47
CA ILE A 334 -1.13 3.61 7.17
C ILE A 334 -2.16 4.34 6.31
N ALA A 335 -1.78 5.50 5.78
CA ALA A 335 -2.72 6.39 5.09
C ALA A 335 -2.77 6.21 3.56
N SER A 336 -3.98 6.31 3.02
CA SER A 336 -4.24 6.24 1.58
C SER A 336 -5.74 6.51 1.35
N GLY A 337 -6.10 7.23 0.29
CA GLY A 337 -5.20 7.94 -0.60
C GLY A 337 -5.71 9.33 -0.88
N GLY A 338 -5.47 9.81 -2.09
CA GLY A 338 -5.66 11.21 -2.43
C GLY A 338 -4.42 12.04 -2.12
N ILE A 339 -3.34 11.36 -1.75
CA ILE A 339 -2.10 12.02 -1.34
C ILE A 339 -1.22 12.34 -2.55
N PHE A 340 -1.06 13.63 -2.82
CA PHE A 340 -0.28 14.09 -3.98
C PHE A 340 0.87 15.02 -3.60
N SER A 341 0.72 15.76 -2.51
CA SER A 341 1.73 16.72 -2.06
C SER A 341 2.11 16.53 -0.60
N GLY A 342 3.24 17.13 -0.20
CA GLY A 342 3.68 17.13 1.19
C GLY A 342 2.61 17.67 2.11
N LEU A 343 1.88 18.66 1.59
CA LEU A 343 0.69 19.22 2.24
C LEU A 343 -0.35 18.14 2.46
N ASP A 344 -0.76 17.48 1.37
CA ASP A 344 -1.71 16.38 1.42
C ASP A 344 -1.24 15.32 2.42
N ALA A 345 0.05 15.01 2.36
CA ALA A 345 0.68 14.04 3.26
C ALA A 345 0.58 14.46 4.73
N LEU A 346 0.83 15.74 5.00
CA LEU A 346 0.83 16.27 6.37
C LEU A 346 -0.53 16.17 7.03
N GLU A 347 -1.59 16.45 6.26
CA GLU A 347 -2.96 16.33 6.73
C GLU A 347 -3.20 14.95 7.33
N LYS A 348 -2.82 13.92 6.57
CA LYS A 348 -2.98 12.53 7.00
C LYS A 348 -2.27 12.26 8.32
N ILE A 349 -1.04 12.73 8.46
CA ILE A 349 -0.33 12.55 9.71
C ILE A 349 -0.85 13.33 10.90
N GLU A 350 -1.21 14.58 10.66
CA GLU A 350 -1.69 15.40 11.76
C GLU A 350 -2.92 14.71 12.23
N ALA A 351 -3.64 14.18 11.28
CA ALA A 351 -4.82 13.42 11.57
C ALA A 351 -4.33 12.23 12.35
N GLY A 352 -3.04 11.96 12.25
CA GLY A 352 -2.50 10.81 12.96
C GLY A 352 -2.05 9.63 12.12
N ALA A 353 -1.86 9.84 10.83
CA ALA A 353 -1.34 8.76 10.03
C ALA A 353 0.17 8.68 10.22
N SER A 354 0.65 7.51 10.62
CA SER A 354 2.08 7.22 10.82
C SER A 354 2.93 7.25 9.57
N VAL A 355 2.36 6.76 8.50
CA VAL A 355 3.03 6.54 7.22
C VAL A 355 2.02 6.68 6.07
N CYS A 356 2.49 6.92 4.86
CA CYS A 356 1.61 7.15 3.71
C CYS A 356 1.89 6.25 2.52
N GLN A 357 0.84 5.89 1.79
CA GLN A 357 0.96 5.13 0.55
C GLN A 357 0.44 5.96 -0.62
N LEU A 358 1.15 5.89 -1.73
CA LEU A 358 0.75 6.58 -2.95
C LEU A 358 0.39 5.58 -4.04
N TYR A 359 -0.61 5.91 -4.82
CA TYR A 359 -0.91 5.18 -6.04
C TYR A 359 -1.20 6.17 -7.15
N SER A 360 -2.21 7.02 -6.93
CA SER A 360 -2.67 7.95 -7.95
C SER A 360 -1.60 8.98 -8.33
N CYS A 361 -0.77 9.34 -7.36
CA CYS A 361 0.28 10.33 -7.57
C CYS A 361 1.30 9.90 -8.61
N LEU A 362 1.61 8.60 -8.64
CA LEU A 362 2.58 8.06 -9.58
C LEU A 362 2.04 8.07 -11.00
N VAL A 363 0.71 8.09 -11.12
CA VAL A 363 0.04 8.11 -12.41
C VAL A 363 -0.01 9.53 -12.97
N PHE A 364 -0.29 10.50 -12.12
CA PHE A 364 -0.46 11.88 -12.56
C PHE A 364 0.80 12.74 -12.45
N ASN A 365 1.46 12.70 -11.28
CA ASN A 365 2.69 13.46 -11.08
C ASN A 365 3.95 12.74 -11.60
N GLY A 366 3.95 11.41 -11.59
CA GLY A 366 4.98 10.64 -12.26
C GLY A 366 6.09 10.09 -11.38
N MET A 367 7.26 9.89 -11.99
CA MET A 367 8.38 9.21 -11.34
C MET A 367 9.09 10.02 -10.26
N LYS A 368 8.90 11.34 -10.27
CA LYS A 368 9.51 12.21 -9.29
C LYS A 368 8.67 12.27 -8.02
N SER A 369 7.53 11.56 -8.02
CA SER A 369 6.57 11.59 -6.90
C SER A 369 7.23 11.48 -5.53
N ALA A 370 8.08 10.47 -5.36
CA ALA A 370 8.76 10.22 -4.09
C ALA A 370 9.71 11.33 -3.70
N VAL A 371 10.55 11.77 -4.65
CA VAL A 371 11.50 12.86 -4.43
C VAL A 371 10.75 14.16 -4.12
N GLN A 372 9.75 14.46 -4.94
CA GLN A 372 8.96 15.68 -4.78
C GLN A 372 8.29 15.71 -3.41
N ILE A 373 7.50 14.68 -3.10
CA ILE A 373 6.72 14.67 -1.86
C ILE A 373 7.59 14.65 -0.61
N LYS A 374 8.73 13.97 -0.66
CA LYS A 374 9.65 13.90 0.49
C LYS A 374 10.22 15.28 0.79
N ARG A 375 10.64 15.97 -0.26
CA ARG A 375 11.13 17.35 -0.18
C ARG A 375 10.07 18.26 0.44
N GLU A 376 8.89 18.30 -0.18
CA GLU A 376 7.76 19.14 0.26
C GLU A 376 7.37 18.93 1.72
N LEU A 377 7.43 17.69 2.18
CA LEU A 377 7.10 17.36 3.56
C LEU A 377 8.21 17.78 4.52
N ASN A 378 9.47 17.68 4.08
CA ASN A 378 10.60 18.15 4.87
C ASN A 378 10.55 19.65 5.13
N HIS A 379 10.23 20.41 4.09
CA HIS A 379 10.05 21.85 4.20
C HIS A 379 8.92 22.19 5.18
N LEU A 380 7.75 21.60 4.96
CA LEU A 380 6.58 21.86 5.78
C LEU A 380 6.75 21.49 7.26
N LEU A 381 7.42 20.37 7.52
CA LEU A 381 7.70 19.95 8.91
C LEU A 381 8.47 21.02 9.71
N TYR A 382 9.43 21.66 9.06
CA TYR A 382 10.23 22.73 9.67
C TYR A 382 9.39 23.97 9.99
N GLN A 383 8.57 24.37 9.02
CA GLN A 383 7.77 25.60 9.11
C GLN A 383 6.64 25.48 10.14
N ARG A 384 6.16 24.27 10.36
CA ARG A 384 5.08 24.03 11.31
C ARG A 384 5.59 23.91 12.75
N GLY A 385 6.91 23.80 12.91
CA GLY A 385 7.53 23.77 14.22
C GLY A 385 7.94 22.38 14.73
N TYR A 386 7.43 21.34 14.07
CA TYR A 386 7.70 19.95 14.47
C TYR A 386 9.19 19.58 14.40
N TYR A 387 9.67 18.89 15.43
CA TYR A 387 11.07 18.46 15.53
C TYR A 387 11.35 17.27 14.61
N ASN A 388 10.56 16.22 14.76
CA ASN A 388 10.60 15.07 13.87
C ASN A 388 9.19 14.72 13.42
N LEU A 389 9.09 13.82 12.43
CA LEU A 389 7.79 13.41 11.90
C LEU A 389 6.87 12.87 13.00
N LYS A 390 7.44 12.04 13.87
CA LYS A 390 6.69 11.35 14.93
C LYS A 390 5.94 12.29 15.87
N GLU A 391 6.42 13.52 15.98
CA GLU A 391 5.80 14.54 16.81
C GLU A 391 4.52 15.08 16.17
N ALA A 392 4.39 14.90 14.85
CA ALA A 392 3.24 15.41 14.10
C ALA A 392 2.05 14.44 14.03
N ILE A 393 2.30 13.17 14.37
CA ILE A 393 1.26 12.14 14.34
C ILE A 393 0.14 12.47 15.33
N GLY A 394 -1.07 12.58 14.82
CA GLY A 394 -2.26 12.82 15.64
C GLY A 394 -2.25 14.17 16.33
N ARG A 395 -2.23 15.24 15.53
CA ARG A 395 -2.28 16.60 16.05
C ARG A 395 -3.23 17.49 15.26
N LYS A 396 -4.53 17.16 15.33
CA LYS A 396 -5.60 17.93 14.69
C LYS A 396 -5.39 18.11 13.18
C1 D67 B . 3.18 5.05 -13.46
F1 D67 B . 6.99 3.16 -11.51
N1 D67 B . 1.51 3.54 -14.35
C2 D67 B . 2.74 3.78 -13.83
F2 D67 B . 6.67 5.29 -11.32
N2 D67 B . -0.55 4.22 -15.16
C3 D67 B . 3.57 2.68 -13.64
F3 D67 B . 7.51 4.44 -13.14
N3 D67 B . -1.28 3.36 -14.33
C4 D67 B . 4.83 2.84 -13.10
F4 D67 B . -3.45 2.07 -13.39
N4 D67 B . -2.60 4.66 -15.71
C5 D67 B . 5.28 4.11 -12.74
F5 D67 B . -4.52 2.62 -15.15
N5 D67 B . -0.81 5.86 -16.83
C6 D67 B . 4.45 5.22 -12.92
C7 D67 B . 0.79 4.33 -15.18
C8 D67 B . 1.36 5.24 -16.08
C9 D67 B . 0.53 6.00 -16.90
C10 D67 B . 1.11 6.99 -17.87
C11 D67 B . -1.31 4.96 -15.95
C12 D67 B . -2.53 3.71 -14.74
C13 D67 B . -3.77 3.07 -14.18
C14 D67 B . -4.52 4.11 -13.35
C16 D67 B . 6.65 4.26 -12.15
N1 FMN C . -5.94 -1.65 -3.08
C2 FMN C . -5.77 -2.89 -2.51
O2 FMN C . -5.80 -3.00 -1.29
N3 FMN C . -5.57 -4.00 -3.29
C4 FMN C . -5.55 -3.89 -4.66
O4 FMN C . -5.36 -4.89 -5.35
C4A FMN C . -5.72 -2.63 -5.25
N5 FMN C . -5.70 -2.50 -6.62
C5A FMN C . -5.85 -1.26 -7.20
C6 FMN C . -5.82 -1.14 -8.59
C7 FMN C . -5.98 0.11 -9.18
C7M FMN C . -5.95 0.20 -10.69
C8 FMN C . -6.19 1.24 -8.40
C8M FMN C . -6.37 2.60 -9.00
C9 FMN C . -6.22 1.11 -7.01
C9A FMN C . -6.06 -0.13 -6.40
N10 FMN C . -6.08 -0.27 -5.02
C10 FMN C . -5.92 -1.52 -4.45
C1' FMN C . -6.31 0.91 -4.12
C2' FMN C . -4.97 1.56 -3.78
O2' FMN C . -4.20 0.62 -3.07
C3' FMN C . -5.14 2.85 -2.99
O3' FMN C . -5.46 2.55 -1.64
C4' FMN C . -6.21 3.76 -3.60
O4' FMN C . -5.90 3.93 -4.96
C5' FMN C . -6.27 5.14 -2.96
O5' FMN C . -5.01 5.77 -3.07
P FMN C . -4.68 6.88 -4.18
O1P FMN C . -4.36 6.15 -5.45
O2P FMN C . -3.51 7.71 -3.72
O3P FMN C . -5.87 7.78 -4.41
N1 ORO D . -9.70 -2.52 -6.98
C2 ORO D . -9.67 -1.58 -6.01
O2 ORO D . -9.96 -0.40 -6.28
N3 ORO D . -9.32 -1.92 -4.75
C4 ORO D . -8.99 -3.19 -4.44
O4 ORO D . -8.78 -3.51 -3.26
C5 ORO D . -9.02 -4.17 -5.43
C6 ORO D . -9.39 -3.79 -6.73
C7 ORO D . -9.45 -4.80 -7.83
O71 ORO D . -8.58 -5.70 -7.90
O72 ORO D . -10.36 -4.70 -8.66
#